data_4X9R
#
_entry.id   4X9R
#
_cell.length_a   37.813
_cell.length_b   50.979
_cell.length_c   57.590
_cell.angle_alpha   90.00
_cell.angle_beta   100.24
_cell.angle_gamma   90.00
#
_symmetry.space_group_name_H-M   'P 1 21 1'
#
loop_
_entity.id
_entity.type
_entity.pdbx_description
1 polymer 'Serine/threonine-protein kinase PLK1'
2 polymer 'Phosphopeptide macrocycle 3B'
3 water water
#
loop_
_entity_poly.entity_id
_entity_poly.type
_entity_poly.pdbx_seq_one_letter_code
_entity_poly.pdbx_strand_id
1 'polypeptide(L)'
;GAHMDCHLSDMLQQLHSVNASKPSERGLVRQEEAEDPACIPIFWVSKWVDYSDKYGLGYQLCDNSVGVLFNDSTRLILYN
DGDSLQYIERDGTESYLTVSSHPNSLMKKITLLKYFRNYMSEHLLKAGANITPREGDELARLPYLRTWFRTRSAIILHLS
NGSVQINFFQDHTKLILCPLMAAVTYIDEKRDFRTYRLSLLEEYGCCKELASRLRYARTMVDKLLSSRSASNRLKAS
;
A
2 'polypeptide(L)' (4L0)L(56A)S(TPO)(NH2) B
#
# COMPACT_ATOMS: atom_id res chain seq x y z
N HIS A 7 6.16 -13.00 -2.36
CA HIS A 7 7.10 -12.36 -3.28
C HIS A 7 7.92 -11.27 -2.60
N LEU A 8 7.90 -11.22 -1.28
CA LEU A 8 8.80 -10.29 -0.56
C LEU A 8 10.26 -10.62 -0.86
N SER A 9 10.59 -11.90 -1.02
CA SER A 9 11.94 -12.27 -1.41
C SER A 9 12.28 -11.70 -2.78
N ASP A 10 11.35 -11.76 -3.72
CA ASP A 10 11.60 -11.15 -5.03
C ASP A 10 11.83 -9.63 -4.90
N MET A 11 11.00 -8.97 -4.08
CA MET A 11 11.15 -7.53 -3.87
C MET A 11 12.52 -7.21 -3.29
N LEU A 12 12.97 -8.02 -2.33
CA LEU A 12 14.29 -7.80 -1.74
C LEU A 12 15.38 -7.92 -2.80
N GLN A 13 15.27 -8.94 -3.67
CA GLN A 13 16.23 -9.09 -4.74
C GLN A 13 16.27 -7.89 -5.66
N GLN A 14 15.08 -7.43 -6.05
CA GLN A 14 14.96 -6.26 -6.91
C GLN A 14 15.54 -5.01 -6.27
N LEU A 15 15.25 -4.79 -5.00
CA LEU A 15 15.76 -3.61 -4.27
C LEU A 15 17.27 -3.71 -4.01
N HIS A 16 17.76 -4.89 -3.66
CA HIS A 16 19.17 -5.02 -3.41
C HIS A 16 19.90 -4.67 -4.70
N SER A 17 19.42 -5.20 -5.82
CA SER A 17 20.05 -5.00 -7.10
C SER A 17 20.08 -3.50 -7.50
N VAL A 18 18.96 -2.81 -7.40
CA VAL A 18 18.96 -1.41 -7.81
C VAL A 18 19.87 -0.62 -6.89
N ASN A 19 19.78 -0.90 -5.60
CA ASN A 19 20.57 -0.10 -4.67
C ASN A 19 22.08 -0.35 -4.86
N ALA A 20 22.46 -1.59 -5.19
CA ALA A 20 23.89 -1.90 -5.40
C ALA A 20 24.44 -1.18 -6.65
N SER A 21 23.56 -0.82 -7.57
CA SER A 21 23.94 -0.15 -8.79
C SER A 21 24.22 1.36 -8.61
N LYS A 22 23.95 1.87 -7.41
CA LYS A 22 24.24 3.25 -7.04
C LYS A 22 23.65 4.20 -8.06
N PRO A 23 22.32 4.16 -8.21
CA PRO A 23 21.68 4.87 -9.33
C PRO A 23 21.82 6.40 -9.33
N SER A 24 22.04 7.03 -8.18
CA SER A 24 22.21 8.48 -8.18
C SER A 24 23.64 8.94 -8.44
N GLU A 25 24.55 8.01 -8.66
CA GLU A 25 25.90 8.34 -9.06
C GLU A 25 26.13 8.05 -10.57
N ARG A 26 25.10 8.10 -11.40
CA ARG A 26 25.32 8.07 -12.85
CA ARG A 26 25.33 8.03 -12.83
C ARG A 26 25.77 9.43 -13.29
N GLY A 27 26.77 9.46 -14.17
CA GLY A 27 27.30 10.73 -14.64
C GLY A 27 26.19 11.59 -15.18
N LEU A 28 25.27 10.97 -15.91
CA LEU A 28 24.07 11.65 -16.35
C LEU A 28 22.85 10.82 -15.94
N VAL A 29 22.09 11.30 -14.96
CA VAL A 29 20.86 10.64 -14.53
C VAL A 29 19.75 10.85 -15.56
N ARG A 30 19.14 9.74 -15.98
CA ARG A 30 18.09 9.78 -17.00
C ARG A 30 16.85 9.08 -16.48
N GLN A 31 16.43 9.48 -15.28
CA GLN A 31 15.33 8.86 -14.56
C GLN A 31 14.08 8.72 -15.43
N GLU A 32 13.80 9.74 -16.21
CA GLU A 32 12.58 9.73 -17.03
C GLU A 32 12.49 8.50 -17.92
N GLU A 33 13.63 7.99 -18.39
CA GLU A 33 13.60 6.87 -19.33
C GLU A 33 13.16 5.58 -18.65
N ALA A 34 13.14 5.58 -17.31
CA ALA A 34 12.75 4.40 -16.57
C ALA A 34 11.25 4.38 -16.25
N GLU A 35 10.52 5.42 -16.61
CA GLU A 35 9.07 5.48 -16.37
CA GLU A 35 9.07 5.44 -16.34
C GLU A 35 8.40 4.50 -17.28
N ASP A 36 7.46 3.72 -16.77
CA ASP A 36 6.66 2.87 -17.64
C ASP A 36 5.22 2.91 -17.15
N PRO A 37 4.35 3.71 -17.82
CA PRO A 37 2.97 3.83 -17.31
C PRO A 37 2.18 2.52 -17.33
N ALA A 38 2.56 1.55 -18.15
CA ALA A 38 1.84 0.29 -18.20
C ALA A 38 2.04 -0.54 -16.93
N CYS A 39 3.01 -0.14 -16.09
CA CYS A 39 3.30 -0.83 -14.86
C CYS A 39 2.58 -0.23 -13.65
N ILE A 40 1.69 0.74 -13.88
CA ILE A 40 1.01 1.43 -12.81
C ILE A 40 0.29 0.41 -11.92
N PRO A 41 0.38 0.59 -10.62
CA PRO A 41 -0.34 -0.34 -9.74
C PRO A 41 -1.83 -0.17 -9.85
N ILE A 42 -2.54 -1.27 -9.60
CA ILE A 42 -3.99 -1.26 -9.62
C ILE A 42 -4.54 -0.79 -8.28
N PHE A 43 -3.89 -1.18 -7.20
CA PHE A 43 -4.31 -0.84 -5.85
C PHE A 43 -3.19 -0.20 -5.08
N TRP A 44 -3.57 0.71 -4.19
CA TRP A 44 -2.69 1.22 -3.16
C TRP A 44 -3.59 1.71 -2.04
N VAL A 45 -2.98 2.02 -0.91
CA VAL A 45 -3.68 2.55 0.27
C VAL A 45 -3.83 4.06 0.14
N SER A 46 -5.08 4.51 0.08
CA SER A 46 -5.39 5.94 -0.07
CA SER A 46 -5.38 5.94 -0.10
C SER A 46 -5.54 6.71 1.23
N LYS A 47 -5.96 6.01 2.30
CA LYS A 47 -6.13 6.60 3.62
C LYS A 47 -5.87 5.49 4.63
N TRP A 48 -5.52 5.87 5.87
CA TRP A 48 -5.39 4.92 6.93
C TRP A 48 -5.57 5.61 8.29
N VAL A 49 -5.99 4.80 9.26
CA VAL A 49 -6.29 5.22 10.63
C VAL A 49 -5.72 4.18 11.56
N ASP A 50 -4.80 4.61 12.42
CA ASP A 50 -4.17 3.72 13.39
C ASP A 50 -4.92 3.85 14.71
N TYR A 51 -5.81 2.89 14.97
CA TYR A 51 -6.49 2.81 16.27
C TYR A 51 -6.03 1.50 16.91
N SER A 52 -4.74 1.20 16.74
CA SER A 52 -4.18 -0.06 17.23
C SER A 52 -4.00 -0.15 18.75
N ASP A 53 -4.13 0.95 19.44
CA ASP A 53 -4.07 0.87 20.88
C ASP A 53 -5.27 0.10 21.43
N LYS A 54 -6.38 0.07 20.66
CA LYS A 54 -7.56 -0.65 21.11
C LYS A 54 -8.07 -1.71 20.15
N TYR A 55 -8.05 -1.41 18.84
CA TYR A 55 -8.82 -2.21 17.88
C TYR A 55 -8.02 -2.72 16.70
N GLY A 56 -7.31 -1.84 15.99
CA GLY A 56 -6.63 -2.24 14.78
C GLY A 56 -6.30 -1.06 13.89
N LEU A 57 -5.90 -1.40 12.69
CA LEU A 57 -5.51 -0.46 11.62
C LEU A 57 -6.59 -0.52 10.55
N GLY A 58 -7.31 0.59 10.40
CA GLY A 58 -8.29 0.75 9.32
C GLY A 58 -7.67 1.43 8.11
N TYR A 59 -8.10 1.06 6.91
CA TYR A 59 -7.52 1.66 5.72
C TYR A 59 -8.53 1.66 4.59
N GLN A 60 -8.26 2.50 3.61
CA GLN A 60 -9.04 2.58 2.41
C GLN A 60 -8.11 2.30 1.25
N LEU A 61 -8.56 1.48 0.31
CA LEU A 61 -7.85 1.36 -0.95
C LEU A 61 -8.34 2.38 -1.96
N CYS A 62 -7.55 2.56 -3.02
CA CYS A 62 -7.84 3.60 -3.98
C CYS A 62 -9.16 3.41 -4.75
N ASP A 63 -9.74 2.22 -4.71
CA ASP A 63 -11.04 1.98 -5.32
C ASP A 63 -12.19 2.29 -4.35
N ASN A 64 -11.87 2.85 -3.17
CA ASN A 64 -12.82 3.19 -2.11
C ASN A 64 -13.31 2.02 -1.26
N SER A 65 -12.78 0.84 -1.50
CA SER A 65 -13.01 -0.26 -0.57
C SER A 65 -12.30 0.08 0.72
N VAL A 66 -12.71 -0.52 1.82
N VAL A 66 -12.69 -0.59 1.79
CA VAL A 66 -12.04 -0.31 3.09
CA VAL A 66 -12.17 -0.36 3.13
C VAL A 66 -11.77 -1.64 3.76
C VAL A 66 -11.68 -1.70 3.65
N GLY A 67 -10.74 -1.67 4.58
CA GLY A 67 -10.42 -2.85 5.34
C GLY A 67 -10.01 -2.49 6.74
N VAL A 68 -9.99 -3.50 7.59
CA VAL A 68 -9.42 -3.40 8.92
C VAL A 68 -8.58 -4.64 9.19
N LEU A 69 -7.36 -4.42 9.67
CA LEU A 69 -6.52 -5.47 10.23
C LEU A 69 -6.62 -5.32 11.74
N PHE A 70 -7.41 -6.21 12.35
CA PHE A 70 -7.64 -6.13 13.79
C PHE A 70 -6.41 -6.61 14.54
N ASN A 71 -6.30 -6.18 15.78
CA ASN A 71 -5.20 -6.55 16.63
C ASN A 71 -5.05 -8.06 16.79
N ASP A 72 -6.13 -8.82 16.57
CA ASP A 72 -6.06 -10.28 16.68
C ASP A 72 -5.70 -10.99 15.36
N SER A 73 -5.23 -10.21 14.37
CA SER A 73 -4.73 -10.72 13.09
C SER A 73 -5.81 -11.29 12.20
N THR A 74 -7.03 -10.82 12.40
CA THR A 74 -8.13 -11.12 11.49
C THR A 74 -8.40 -9.85 10.71
N ARG A 75 -9.12 -9.99 9.61
CA ARG A 75 -9.42 -8.87 8.73
C ARG A 75 -10.84 -8.87 8.22
N LEU A 76 -11.37 -7.66 8.06
CA LEU A 76 -12.60 -7.46 7.34
C LEU A 76 -12.30 -6.56 6.16
N ILE A 77 -12.81 -6.96 5.01
CA ILE A 77 -12.70 -6.23 3.75
C ILE A 77 -14.09 -5.87 3.24
N LEU A 78 -14.38 -4.59 3.16
CA LEU A 78 -15.64 -4.08 2.63
C LEU A 78 -15.43 -3.59 1.22
N TYR A 79 -16.09 -4.25 0.28
CA TYR A 79 -15.99 -3.87 -1.12
C TYR A 79 -16.64 -2.52 -1.39
N ASN A 80 -16.31 -1.90 -2.52
CA ASN A 80 -16.81 -0.55 -2.75
C ASN A 80 -18.30 -0.46 -3.09
N ASP A 81 -19.03 -1.60 -3.12
CA ASP A 81 -20.48 -1.52 -3.20
C ASP A 81 -21.13 -1.21 -1.85
N GLY A 82 -20.33 -1.18 -0.78
CA GLY A 82 -20.82 -0.79 0.54
C GLY A 82 -21.48 -1.90 1.35
N ASP A 83 -21.58 -3.11 0.81
CA ASP A 83 -22.26 -4.17 1.56
C ASP A 83 -21.49 -5.46 1.50
N SER A 84 -20.93 -5.76 0.34
CA SER A 84 -20.23 -7.03 0.18
C SER A 84 -18.96 -7.07 1.01
N LEU A 85 -18.76 -8.20 1.68
CA LEU A 85 -17.76 -8.31 2.74
C LEU A 85 -17.01 -9.59 2.67
N GLN A 86 -15.72 -9.53 2.93
CA GLN A 86 -14.92 -10.72 3.13
C GLN A 86 -14.31 -10.67 4.53
N TYR A 87 -14.34 -11.80 5.22
CA TYR A 87 -13.66 -11.95 6.50
C TYR A 87 -12.51 -12.93 6.34
N ILE A 88 -11.36 -12.57 6.89
CA ILE A 88 -10.15 -13.40 6.79
C ILE A 88 -9.78 -13.75 8.20
N GLU A 89 -9.81 -15.03 8.51
CA GLU A 89 -9.44 -15.50 9.83
C GLU A 89 -7.94 -15.46 9.98
N ARG A 90 -7.48 -15.75 11.21
CA ARG A 90 -6.07 -15.67 11.53
C ARG A 90 -5.23 -16.55 10.60
N ASP A 91 -5.70 -17.77 10.31
CA ASP A 91 -4.94 -18.70 9.46
C ASP A 91 -5.13 -18.42 7.98
N GLY A 92 -5.92 -17.40 7.66
CA GLY A 92 -6.09 -16.98 6.28
C GLY A 92 -7.37 -17.47 5.63
N THR A 93 -8.17 -18.23 6.38
CA THR A 93 -9.42 -18.77 5.86
C THR A 93 -10.35 -17.62 5.50
N GLU A 94 -10.86 -17.68 4.28
CA GLU A 94 -11.67 -16.57 3.75
C GLU A 94 -13.15 -16.95 3.71
N SER A 95 -14.03 -16.04 4.11
CA SER A 95 -15.46 -16.21 3.84
C SER A 95 -16.07 -14.92 3.36
N TYR A 96 -17.23 -15.06 2.74
CA TYR A 96 -17.93 -14.00 2.06
C TYR A 96 -19.30 -13.82 2.72
N LEU A 97 -19.71 -12.58 2.86
CA LEU A 97 -20.92 -12.25 3.58
C LEU A 97 -21.26 -10.82 3.19
N THR A 98 -22.13 -10.19 3.94
CA THR A 98 -22.43 -8.81 3.70
C THR A 98 -22.55 -8.16 5.06
N VAL A 99 -22.45 -6.84 5.06
CA VAL A 99 -22.75 -6.09 6.25
C VAL A 99 -24.18 -6.41 6.71
N SER A 100 -25.07 -6.70 5.77
CA SER A 100 -26.47 -6.95 6.04
C SER A 100 -26.79 -8.35 6.57
N SER A 101 -25.90 -9.28 6.35
CA SER A 101 -26.16 -10.66 6.71
CA SER A 101 -26.15 -10.67 6.72
C SER A 101 -24.86 -11.27 7.16
N HIS A 102 -24.66 -11.35 8.46
CA HIS A 102 -23.38 -11.75 9.02
C HIS A 102 -23.64 -12.59 10.27
N PRO A 103 -22.70 -13.45 10.62
CA PRO A 103 -22.85 -14.20 11.87
C PRO A 103 -22.85 -13.24 13.06
N ASN A 104 -23.61 -13.56 14.10
CA ASN A 104 -23.63 -12.70 15.25
C ASN A 104 -22.24 -12.55 15.89
N SER A 105 -21.42 -13.58 15.74
CA SER A 105 -20.09 -13.52 16.33
C SER A 105 -19.24 -12.36 15.78
N LEU A 106 -19.60 -11.87 14.60
CA LEU A 106 -18.84 -10.79 13.94
C LEU A 106 -19.45 -9.40 14.19
N MET A 107 -20.48 -9.32 15.01
CA MET A 107 -21.16 -8.05 15.23
CA MET A 107 -21.17 -8.05 15.24
C MET A 107 -20.21 -6.93 15.68
N LYS A 108 -19.35 -7.20 16.65
CA LYS A 108 -18.48 -6.13 17.14
C LYS A 108 -17.48 -5.67 16.07
N LYS A 109 -16.90 -6.62 15.37
CA LYS A 109 -15.95 -6.27 14.32
C LYS A 109 -16.62 -5.51 13.18
N ILE A 110 -17.84 -5.88 12.85
CA ILE A 110 -18.58 -5.15 11.81
C ILE A 110 -18.89 -3.72 12.24
N THR A 111 -19.29 -3.54 13.51
CA THR A 111 -19.48 -2.18 14.02
C THR A 111 -18.17 -1.36 13.88
N LEU A 112 -17.05 -1.96 14.29
CA LEU A 112 -15.76 -1.29 14.15
C LEU A 112 -15.47 -0.93 12.70
N LEU A 113 -15.71 -1.85 11.79
CA LEU A 113 -15.46 -1.52 10.39
CA LEU A 113 -15.54 -1.59 10.36
C LEU A 113 -16.36 -0.37 9.95
N LYS A 114 -17.61 -0.34 10.37
CA LYS A 114 -18.51 0.76 10.01
C LYS A 114 -17.96 2.10 10.49
N TYR A 115 -17.45 2.13 11.71
CA TYR A 115 -16.89 3.37 12.26
C TYR A 115 -15.66 3.82 11.48
N PHE A 116 -14.78 2.87 11.15
CA PHE A 116 -13.60 3.22 10.36
C PHE A 116 -14.04 3.73 8.96
N ARG A 117 -14.99 3.04 8.34
CA ARG A 117 -15.52 3.45 7.04
C ARG A 117 -16.10 4.85 7.08
N ASN A 118 -16.89 5.13 8.11
CA ASN A 118 -17.52 6.43 8.24
CA ASN A 118 -17.54 6.43 8.26
C ASN A 118 -16.46 7.49 8.38
N TYR A 119 -15.47 7.22 9.21
CA TYR A 119 -14.46 8.23 9.46
C TYR A 119 -13.68 8.55 8.17
N MET A 120 -13.32 7.51 7.41
CA MET A 120 -12.53 7.76 6.20
C MET A 120 -13.39 8.23 5.03
N SER A 121 -14.71 8.13 5.19
CA SER A 121 -15.61 8.75 4.23
C SER A 121 -15.67 10.28 4.44
N GLU A 122 -15.40 10.73 5.67
CA GLU A 122 -15.64 12.12 6.07
C GLU A 122 -14.38 12.91 6.31
N HIS A 123 -13.23 12.26 6.41
CA HIS A 123 -12.00 12.93 6.78
C HIS A 123 -10.92 12.41 5.85
N LEU A 124 -9.88 13.23 5.73
CA LEU A 124 -8.60 12.89 5.10
C LEU A 124 -8.63 12.95 3.58
N LEU A 125 -7.45 13.16 3.01
CA LEU A 125 -7.29 13.16 1.55
C LEU A 125 -7.00 11.77 1.02
N LYS A 126 -7.34 11.53 -0.24
CA LYS A 126 -7.04 10.26 -0.88
C LYS A 126 -5.72 10.34 -1.57
N ALA A 127 -4.78 9.48 -1.17
CA ALA A 127 -3.53 9.41 -1.92
C ALA A 127 -3.81 8.92 -3.33
N GLY A 128 -3.13 9.50 -4.32
CA GLY A 128 -3.34 9.08 -5.67
C GLY A 128 -4.64 9.52 -6.33
N ALA A 129 -5.24 10.57 -5.80
CA ALA A 129 -6.56 11.02 -6.26
C ALA A 129 -6.50 11.52 -7.69
N ASN A 130 -5.32 11.85 -8.16
CA ASN A 130 -5.15 12.32 -9.54
C ASN A 130 -5.23 11.20 -10.57
N ILE A 131 -5.12 9.94 -10.15
CA ILE A 131 -5.17 8.81 -11.08
C ILE A 131 -6.63 8.43 -11.35
N THR A 132 -6.95 8.20 -12.61
CA THR A 132 -8.30 7.85 -13.02
C THR A 132 -8.85 6.72 -12.19
N PRO A 133 -10.07 6.86 -11.66
CA PRO A 133 -10.69 5.70 -11.01
C PRO A 133 -10.87 4.55 -11.97
N ARG A 134 -10.55 3.33 -11.54
CA ARG A 134 -10.51 2.21 -12.46
C ARG A 134 -11.95 1.79 -12.76
N GLU A 135 -12.18 1.50 -14.04
CA GLU A 135 -13.36 0.79 -14.48
C GLU A 135 -12.90 -0.64 -14.72
N GLY A 136 -13.53 -1.55 -14.00
CA GLY A 136 -13.16 -2.94 -14.05
C GLY A 136 -14.11 -3.70 -13.16
N ASP A 137 -13.72 -4.87 -12.71
CA ASP A 137 -14.61 -5.70 -11.92
C ASP A 137 -14.44 -5.29 -10.47
N GLU A 138 -15.41 -4.53 -9.97
CA GLU A 138 -15.39 -3.97 -8.61
C GLU A 138 -15.52 -5.05 -7.54
N LEU A 139 -15.88 -6.29 -7.90
CA LEU A 139 -15.94 -7.36 -6.95
C LEU A 139 -14.85 -8.39 -7.18
N ALA A 140 -13.96 -8.18 -8.14
CA ALA A 140 -12.81 -9.07 -8.26
C ALA A 140 -12.03 -9.01 -6.94
N ARG A 141 -11.40 -10.12 -6.56
CA ARG A 141 -10.87 -10.29 -5.23
C ARG A 141 -9.91 -9.17 -4.91
N LEU A 142 -10.17 -8.49 -3.80
CA LEU A 142 -9.34 -7.36 -3.40
C LEU A 142 -8.15 -7.84 -2.62
N PRO A 143 -7.01 -7.16 -2.77
CA PRO A 143 -5.92 -7.47 -1.85
C PRO A 143 -6.28 -6.96 -0.48
N TYR A 144 -5.72 -7.57 0.56
CA TYR A 144 -5.97 -7.12 1.93
C TYR A 144 -4.63 -6.79 2.59
N LEU A 145 -4.68 -6.09 3.70
CA LEU A 145 -3.48 -5.77 4.44
C LEU A 145 -3.01 -6.99 5.21
N ARG A 146 -1.87 -7.53 4.80
CA ARG A 146 -1.30 -8.69 5.45
CA ARG A 146 -1.27 -8.68 5.45
C ARG A 146 -0.64 -8.29 6.77
N THR A 147 0.18 -7.25 6.73
CA THR A 147 0.81 -6.75 7.92
C THR A 147 1.20 -5.31 7.71
N TRP A 148 1.43 -4.61 8.81
CA TRP A 148 1.90 -3.25 8.77
C TRP A 148 2.76 -3.01 9.98
N PHE A 149 3.57 -1.97 9.91
CA PHE A 149 4.25 -1.45 11.09
C PHE A 149 4.62 -0.01 10.86
N ARG A 150 5.06 0.67 11.92
CA ARG A 150 5.49 2.08 11.82
C ARG A 150 6.89 2.21 12.37
N THR A 151 7.62 3.16 11.81
CA THR A 151 8.90 3.54 12.35
C THR A 151 8.72 4.99 12.71
N ARG A 152 9.80 5.63 13.12
CA ARG A 152 9.74 7.05 13.42
CA ARG A 152 9.73 7.06 13.42
C ARG A 152 9.44 7.88 12.16
N SER A 153 9.84 7.39 10.99
N SER A 153 9.86 7.36 11.00
CA SER A 153 9.73 8.21 9.78
CA SER A 153 9.83 8.11 9.75
C SER A 153 8.64 7.78 8.80
C SER A 153 8.67 7.76 8.82
N ALA A 154 8.07 6.58 8.96
CA ALA A 154 7.15 6.08 7.95
C ALA A 154 6.19 5.03 8.48
N ILE A 155 5.10 4.81 7.73
CA ILE A 155 4.25 3.63 7.91
C ILE A 155 4.48 2.70 6.72
N ILE A 156 4.56 1.41 7.00
CA ILE A 156 4.86 0.37 6.03
C ILE A 156 3.66 -0.58 5.97
N LEU A 157 3.11 -0.75 4.77
CA LEU A 157 1.87 -1.48 4.55
C LEU A 157 2.16 -2.57 3.51
N HIS A 158 1.92 -3.82 3.89
CA HIS A 158 2.20 -4.93 3.02
C HIS A 158 0.86 -5.59 2.62
N LEU A 159 0.52 -5.50 1.32
CA LEU A 159 -0.70 -6.09 0.81
C LEU A 159 -0.53 -7.52 0.33
N SER A 160 -1.64 -8.25 0.35
CA SER A 160 -1.67 -9.66 -0.02
C SER A 160 -1.34 -9.92 -1.48
N ASN A 161 -1.36 -8.89 -2.33
CA ASN A 161 -0.94 -9.07 -3.73
C ASN A 161 0.58 -8.88 -3.87
N GLY A 162 1.27 -8.76 -2.75
CA GLY A 162 2.72 -8.61 -2.77
C GLY A 162 3.24 -7.18 -2.72
N SER A 163 2.37 -6.22 -2.97
CA SER A 163 2.79 -4.82 -2.94
C SER A 163 3.19 -4.39 -1.53
N VAL A 164 4.18 -3.49 -1.48
CA VAL A 164 4.61 -2.84 -0.25
C VAL A 164 4.51 -1.34 -0.47
N GLN A 165 3.79 -0.66 0.42
CA GLN A 165 3.65 0.78 0.34
C GLN A 165 4.33 1.38 1.57
N ILE A 166 5.09 2.45 1.32
CA ILE A 166 5.79 3.13 2.40
C ILE A 166 5.43 4.61 2.29
N ASN A 167 4.77 5.15 3.34
CA ASN A 167 4.42 6.56 3.38
C ASN A 167 5.29 7.26 4.40
N PHE A 168 6.03 8.27 3.94
CA PHE A 168 6.93 9.05 4.81
C PHE A 168 6.16 10.19 5.43
N PHE A 169 6.19 10.27 6.76
CA PHE A 169 5.34 11.20 7.48
C PHE A 169 5.71 12.63 7.25
N GLN A 170 7.01 12.92 7.22
CA GLN A 170 7.41 14.31 7.30
C GLN A 170 7.14 15.13 6.03
N ASP A 171 7.42 14.53 4.87
CA ASP A 171 7.29 15.24 3.60
C ASP A 171 6.19 14.71 2.70
N HIS A 172 5.44 13.74 3.18
CA HIS A 172 4.26 13.21 2.47
C HIS A 172 4.59 12.47 1.19
N THR A 173 5.86 12.09 1.02
CA THR A 173 6.26 11.32 -0.12
C THR A 173 5.98 9.84 0.15
N LYS A 174 5.79 9.07 -0.92
CA LYS A 174 5.33 7.69 -0.80
C LYS A 174 5.91 6.82 -1.89
N LEU A 175 6.15 5.57 -1.55
CA LEU A 175 6.53 4.53 -2.51
C LEU A 175 5.49 3.43 -2.52
N ILE A 176 5.17 2.95 -3.72
CA ILE A 176 4.36 1.74 -3.88
C ILE A 176 5.18 0.77 -4.70
N LEU A 177 5.63 -0.30 -4.06
CA LEU A 177 6.52 -1.25 -4.68
C LEU A 177 5.76 -2.51 -5.06
N CYS A 178 5.93 -2.95 -6.30
CA CYS A 178 5.26 -4.18 -6.74
C CYS A 178 6.30 -5.14 -7.27
N PRO A 179 6.38 -6.35 -6.67
CA PRO A 179 7.41 -7.29 -7.10
C PRO A 179 6.99 -8.04 -8.36
N LEU A 180 5.72 -7.95 -8.77
CA LEU A 180 5.28 -8.66 -9.96
CA LEU A 180 5.29 -8.66 -9.97
C LEU A 180 5.61 -7.84 -11.20
N MET A 181 5.39 -6.52 -11.09
CA MET A 181 5.81 -5.60 -12.13
C MET A 181 7.30 -5.26 -11.99
N ALA A 182 7.88 -5.55 -10.82
CA ALA A 182 9.27 -5.14 -10.50
C ALA A 182 9.39 -3.64 -10.72
N ALA A 183 8.48 -2.93 -10.09
CA ALA A 183 8.30 -1.49 -10.30
C ALA A 183 8.13 -0.77 -8.99
N VAL A 184 8.45 0.53 -9.03
CA VAL A 184 8.21 1.41 -7.90
C VAL A 184 7.45 2.63 -8.43
N THR A 185 6.39 2.98 -7.72
CA THR A 185 5.69 4.24 -7.97
C THR A 185 6.13 5.21 -6.91
N TYR A 186 6.61 6.38 -7.33
CA TYR A 186 7.00 7.42 -6.39
C TYR A 186 5.96 8.52 -6.45
N ILE A 187 5.43 8.87 -5.28
CA ILE A 187 4.54 10.02 -5.16
C ILE A 187 5.36 11.09 -4.45
N ASP A 188 5.63 12.20 -5.12
CA ASP A 188 6.53 13.21 -4.59
C ASP A 188 5.74 14.28 -3.82
N GLU A 189 6.44 15.30 -3.33
CA GLU A 189 5.86 16.30 -2.43
C GLU A 189 4.78 17.14 -3.13
N LYS A 190 4.83 17.19 -4.46
CA LYS A 190 3.80 17.91 -5.23
C LYS A 190 2.68 16.97 -5.69
N ARG A 191 2.76 15.72 -5.28
N ARG A 191 2.73 15.73 -5.24
CA ARG A 191 1.77 14.70 -5.64
CA ARG A 191 1.76 14.69 -5.61
C ARG A 191 1.85 14.23 -7.08
C ARG A 191 1.83 14.29 -7.10
N ASP A 192 2.98 14.46 -7.73
CA ASP A 192 3.21 13.78 -9.00
CA ASP A 192 3.24 13.78 -8.99
C ASP A 192 3.37 12.29 -8.69
N PHE A 193 2.82 11.44 -9.55
CA PHE A 193 2.68 9.97 -9.32
C PHE A 193 3.28 9.32 -10.57
N ARG A 194 4.44 8.70 -10.42
CA ARG A 194 5.17 8.13 -11.56
C ARG A 194 5.68 6.78 -11.24
N THR A 195 5.49 5.87 -12.18
CA THR A 195 5.86 4.48 -11.98
C THR A 195 7.10 4.16 -12.80
N TYR A 196 8.08 3.58 -12.14
CA TYR A 196 9.38 3.25 -12.75
C TYR A 196 9.69 1.78 -12.68
N ARG A 197 10.25 1.23 -13.75
CA ARG A 197 10.79 -0.13 -13.64
CA ARG A 197 10.82 -0.12 -13.67
C ARG A 197 12.13 -0.13 -12.93
N LEU A 198 12.23 -0.95 -11.91
CA LEU A 198 13.44 -0.99 -11.10
C LEU A 198 14.70 -1.32 -11.92
N SER A 199 14.58 -2.25 -12.86
CA SER A 199 15.72 -2.61 -13.69
C SER A 199 16.15 -1.45 -14.55
N LEU A 200 15.23 -0.54 -14.91
CA LEU A 200 15.61 0.58 -15.75
C LEU A 200 16.18 1.72 -14.92
N LEU A 201 15.82 1.79 -13.64
CA LEU A 201 16.49 2.71 -12.73
C LEU A 201 17.97 2.28 -12.62
N GLU A 202 18.23 0.97 -12.62
CA GLU A 202 19.61 0.48 -12.69
C GLU A 202 20.35 0.98 -13.91
N GLU A 203 19.70 0.93 -15.05
CA GLU A 203 20.34 1.33 -16.32
C GLU A 203 20.49 2.81 -16.45
N TYR A 204 19.45 3.56 -16.09
CA TYR A 204 19.40 4.99 -16.39
C TYR A 204 19.67 5.91 -15.20
N GLY A 205 19.65 5.39 -13.99
CA GLY A 205 19.87 6.18 -12.81
C GLY A 205 18.59 6.81 -12.25
N CYS A 206 18.74 7.49 -11.11
CA CYS A 206 17.66 8.30 -10.57
C CYS A 206 18.24 9.34 -9.65
N CYS A 207 17.40 10.31 -9.31
CA CYS A 207 17.81 11.37 -8.41
C CYS A 207 18.09 10.83 -7.01
N LYS A 208 18.83 11.62 -6.25
CA LYS A 208 19.22 11.23 -4.91
C LYS A 208 18.03 11.05 -3.98
N GLU A 209 16.94 11.77 -4.22
CA GLU A 209 15.77 11.68 -3.35
C GLU A 209 15.13 10.30 -3.49
N LEU A 210 14.94 9.87 -4.73
CA LEU A 210 14.36 8.56 -4.94
C LEU A 210 15.36 7.48 -4.49
N ALA A 211 16.65 7.67 -4.78
CA ALA A 211 17.63 6.67 -4.38
C ALA A 211 17.65 6.44 -2.88
N SER A 212 17.58 7.52 -2.12
CA SER A 212 17.55 7.44 -0.68
CA SER A 212 17.58 7.41 -0.67
C SER A 212 16.33 6.67 -0.18
N ARG A 213 15.17 6.97 -0.76
CA ARG A 213 13.96 6.26 -0.37
C ARG A 213 13.98 4.77 -0.72
N LEU A 214 14.64 4.42 -1.83
CA LEU A 214 14.78 3.01 -2.18
C LEU A 214 15.75 2.28 -1.23
N ARG A 215 16.77 2.96 -0.72
CA ARG A 215 17.64 2.33 0.30
C ARG A 215 16.80 2.07 1.56
N TYR A 216 15.96 3.03 1.96
CA TYR A 216 15.12 2.86 3.13
C TYR A 216 14.13 1.72 2.88
N ALA A 217 13.58 1.68 1.67
CA ALA A 217 12.66 0.61 1.32
C ALA A 217 13.25 -0.77 1.53
N ARG A 218 14.51 -0.96 1.16
CA ARG A 218 15.10 -2.26 1.33
C ARG A 218 15.17 -2.64 2.81
N THR A 219 15.53 -1.68 3.66
CA THR A 219 15.57 -1.96 5.09
CA THR A 219 15.56 -1.93 5.10
C THR A 219 14.17 -2.32 5.62
N MET A 220 13.13 -1.69 5.09
CA MET A 220 11.78 -2.04 5.49
C MET A 220 11.34 -3.43 5.01
N VAL A 221 11.72 -3.81 3.80
CA VAL A 221 11.38 -5.15 3.30
C VAL A 221 12.09 -6.20 4.14
N ASP A 222 13.34 -5.92 4.53
CA ASP A 222 14.02 -6.82 5.46
C ASP A 222 13.25 -6.98 6.78
N LYS A 223 12.72 -5.88 7.32
CA LYS A 223 11.90 -5.96 8.53
C LYS A 223 10.64 -6.81 8.30
N LEU A 224 9.98 -6.64 7.17
CA LEU A 224 8.80 -7.45 6.85
C LEU A 224 9.14 -8.93 6.77
N LEU A 225 10.31 -9.27 6.23
CA LEU A 225 10.70 -10.66 6.13
C LEU A 225 11.11 -11.28 7.46
N SER A 226 11.48 -10.44 8.42
CA SER A 226 11.83 -10.90 9.76
C SER A 226 10.59 -11.13 10.63
N LEU B 2 -1.32 9.33 13.85
CA LEU B 2 -2.23 8.21 14.01
C LEU B 2 -3.25 8.07 12.88
N SER B 4 -3.50 9.13 8.28
CA SER B 4 -2.91 9.69 7.10
C SER B 4 -3.31 11.15 6.87
#